data_4YB0
#
_entry.id   4YB0
#
_cell.length_a   174.829
_cell.length_b   44.901
_cell.length_c   68.210
_cell.angle_alpha   90.00
_cell.angle_beta   103.33
_cell.angle_gamma   90.00
#
_symmetry.space_group_name_H-M   'C 1 2 1'
#
loop_
_entity.id
_entity.type
_entity.pdbx_description
1 polymer 'RNA (84-MER)'
2 non-polymer "GUANOSINE-5'-DIPHOSPHATE"
3 non-polymer "9,9'-[(2R,3R,3aS,5S,7aR,9R,10R,10aS,12S,14aR)-3,5,10,12-tetrahydroxy-5,12-dioxidooctahydro-2H,7H-difuro[3,2-d:3',2'-j][1,3,7,9,2,8]tetraoxadiphosphacyclododecine-2,9-diyl]bis(2-amino-1,9-dihydro-6H-purin-6-one)"
4 non-polymer 'MAGNESIUM ION'
5 non-polymer 'POTASSIUM ION'
6 water water
#
_entity_poly.entity_id   1
_entity_poly.type   'polyribonucleotide'
_entity_poly.pdbx_seq_one_letter_code
;GUACACGACAAUACUAAACCAUCCGCGAGGAUGGGGCGGAAAGCCUAAGGGUCUCCCUGAGACAGCCGGGCUGCCGAAAU
AUC
;
_entity_poly.pdbx_strand_id   R,A
#
loop_
_chem_comp.id
_chem_comp.type
_chem_comp.name
_chem_comp.formula
A RNA linking ADENOSINE-5'-MONOPHOSPHATE 'C10 H14 N5 O7 P'
C RNA linking CYTIDINE-5'-MONOPHOSPHATE 'C9 H14 N3 O8 P'
C2E non-polymer 9,9'-[(2R,3R,3aS,5S,7aR,9R,10R,10aS,12S,14aR)-3,5,10,12-tetrahydroxy-5,12-dioxidooctahydro-2H,7H-difuro[3,2-d:3',2'-j][1,3,7,9,2,8]tetraoxadiphosphacyclododecine-2,9-diyl]bis(2-amino-1,9-dihydro-6H-purin-6-one) 'C20 H24 N10 O14 P2'
G RNA linking GUANOSINE-5'-MONOPHOSPHATE 'C10 H14 N5 O8 P'
GDP RNA linking GUANOSINE-5'-DIPHOSPHATE 'C10 H15 N5 O11 P2'
K non-polymer 'POTASSIUM ION' 'K 1'
MG non-polymer 'MAGNESIUM ION' 'Mg 2'
U RNA linking URIDINE-5'-MONOPHOSPHATE 'C9 H13 N2 O9 P'
#
# COMPACT_ATOMS: atom_id res chain seq x y z
PB GDP C . -7.34 -24.48 14.78
O1B GDP C . -8.04 -25.00 13.49
O2B GDP C . -7.06 -25.72 15.67
O3B GDP C . -6.00 -23.85 14.23
O3A GDP C . -8.32 -23.51 15.64
PA GDP C . -7.86 -22.01 16.08
O1A GDP C . -9.26 -21.32 16.11
O2A GDP C . -6.74 -21.61 15.06
O5' GDP C . -7.08 -22.16 17.47
C5' GDP C . -7.77 -21.98 18.68
C4' GDP C . -6.58 -22.25 19.60
O4' GDP C . -5.74 -23.28 18.95
C3' GDP C . -5.60 -21.12 19.74
O3' GDP C . -5.82 -20.27 20.92
C2' GDP C . -4.38 -21.88 20.18
O2' GDP C . -4.45 -21.88 21.63
C1' GDP C . -4.53 -23.32 19.74
N9 GDP C . -3.62 -23.34 18.61
C8 GDP C . -4.06 -23.36 17.32
N7 GDP C . -2.96 -23.29 16.48
C5 GDP C . -1.89 -23.16 17.33
C6 GDP C . -0.49 -23.05 17.08
O6 GDP C . -0.24 -23.06 15.84
N1 GDP C . 0.38 -22.92 18.12
C2 GDP C . -0.12 -22.93 19.38
N2 GDP C . 0.71 -22.82 20.44
N3 GDP C . -1.45 -23.02 19.69
C4 GDP C . -2.33 -23.13 18.68
P1 C2E D . -11.08 0.62 10.15
O2P C2E D . -10.90 0.38 11.63
O1P C2E D . -12.45 0.95 9.61
O5' C2E D . -10.06 1.79 9.70
C5' C2E D . -10.37 2.51 8.53
C4' C2E D . -9.17 3.24 7.94
O4' C2E D . -9.03 4.46 8.68
C3' C2E D . -7.83 2.50 8.02
O3' C2E D . -7.53 1.90 6.76
C2' C2E D . -6.87 3.64 8.28
O2' C2E D . -6.46 4.21 7.03
C1' C2E D . -7.66 4.71 8.98
N9 C2E D . -7.53 4.64 10.46
C8 C2E D . -8.49 4.19 11.30
N7 C2E D . -8.04 4.28 12.59
C5 C2E D . -6.79 4.79 12.58
C6 C2E D . -5.74 5.17 13.58
O6 C2E D . -5.93 5.00 14.81
N1 C2E D . -4.59 5.67 13.11
C2 C2E D . -4.37 5.85 11.81
N2 C2E D . -3.20 6.37 11.41
N3 C2E D . -5.27 5.55 10.85
C4 C2E D . -6.47 5.03 11.16
P11 C2E D . -6.44 0.70 6.61
O21 C2E D . -6.44 0.09 5.23
O11 C2E D . -5.14 1.25 7.14
O5A C2E D . -7.03 -0.39 7.65
C5A C2E D . -7.92 -1.41 7.20
C4A C2E D . -8.74 -2.04 8.33
O4A C2E D . -8.02 -3.13 8.94
C3A C2E D . -9.17 -1.12 9.46
O3A C2E D . -10.50 -0.65 9.32
C2A C2E D . -9.10 -2.03 10.67
O2A C2E D . -10.36 -2.70 10.72
C1A C2E D . -8.03 -3.06 10.37
N91 C2E D . -6.70 -2.56 10.84
C81 C2E D . -5.62 -2.34 10.06
N71 C2E D . -4.57 -1.89 10.77
C51 C2E D . -4.96 -1.81 12.06
C61 C2E D . -4.33 -1.41 13.35
O61 C2E D . -3.14 -1.03 13.38
N11 C2E D . -5.08 -1.48 14.45
C21 C2E D . -6.36 -1.90 14.42
N21 C2E D . -7.06 -1.93 15.59
N31 C2E D . -7.00 -2.28 13.29
C41 C2E D . -6.35 -2.26 12.10
MG MG E . -2.07 39.36 8.99
MG MG F . -16.40 -0.97 10.91
MG MG G . -0.58 -1.32 11.58
K K H . 13.50 17.15 7.17
K K I . -11.16 22.07 14.18
PB GDP J . -8.83 0.40 -8.30
O1B GDP J . -10.36 0.17 -8.58
O2B GDP J . -8.73 0.75 -6.75
O3B GDP J . -8.11 -0.94 -8.58
O3A GDP J . -8.63 1.48 -9.44
PA GDP J . -8.20 0.40 -10.55
O1A GDP J . -8.57 -1.10 -10.63
O2A GDP J . -6.69 0.33 -10.17
O5' GDP J . -8.30 0.85 -12.10
C5' GDP J . -8.57 -0.23 -12.95
C4' GDP J . -9.28 0.41 -14.17
O4' GDP J . -10.40 1.21 -13.57
C3' GDP J . -8.59 1.49 -14.98
O3' GDP J . -7.88 1.15 -16.27
C2' GDP J . -9.81 2.18 -15.57
O2' GDP J . -10.04 1.26 -16.66
C1' GDP J . -10.95 2.10 -14.59
N9 GDP J . -10.90 3.33 -13.77
C8 GDP J . -10.54 3.33 -12.46
N7 GDP J . -10.53 4.63 -11.93
C5 GDP J . -10.87 5.45 -12.97
C6 GDP J . -11.06 6.89 -13.15
O6 GDP J . -10.88 7.66 -12.16
N1 GDP J . -11.45 7.36 -14.32
C2 GDP J . -11.63 6.56 -15.35
N2 GDP J . -11.99 7.11 -16.53
N3 GDP J . -11.43 5.21 -15.28
C4 GDP J . -11.09 4.60 -14.14
P1 C2E K . 16.05 5.21 -12.29
O2P C2E K . 16.98 4.14 -11.76
O1P C2E K . 15.33 4.92 -13.57
O5' C2E K . 16.81 6.62 -12.45
C5' C2E K . 18.13 6.81 -11.93
C4' C2E K . 18.45 8.30 -11.86
O4' C2E K . 19.30 8.61 -12.96
C3' C2E K . 17.25 9.23 -11.98
O3' C2E K . 16.92 9.75 -10.69
C2' C2E K . 17.77 10.37 -12.83
O2' C2E K . 18.33 11.38 -11.98
C1' C2E K . 18.89 9.80 -13.64
N9 C2E K . 18.39 9.43 -14.98
C8 C2E K . 18.14 8.18 -15.41
N7 C2E K . 17.71 8.18 -16.69
C5 C2E K . 17.66 9.46 -17.10
C6 C2E K . 17.28 10.17 -18.34
O6 C2E K . 16.89 9.53 -19.35
N1 C2E K . 17.38 11.51 -18.35
C2 C2E K . 17.80 12.21 -17.28
N2 C2E K . 17.86 13.55 -17.34
N3 C2E K . 18.15 11.61 -16.11
C4 C2E K . 18.11 10.27 -15.97
P11 C2E K . 15.55 10.55 -10.38
O21 C2E K . 15.36 11.63 -11.42
O11 C2E K . 15.60 10.90 -8.90
O5A C2E K . 14.42 9.43 -10.62
C5A C2E K . 14.15 8.45 -9.62
C4A C2E K . 13.42 7.22 -10.16
O4A C2E K . 12.06 7.55 -10.45
C3A C2E K . 14.01 6.63 -11.44
O3A C2E K . 14.93 5.57 -11.19
C2A C2E K . 12.77 6.12 -12.16
O2A C2E K . 12.45 4.80 -11.75
C1A C2E K . 11.65 7.04 -11.72
N91 C2E K . 11.51 8.17 -12.66
C81 C2E K . 11.53 9.48 -12.34
N71 C2E K . 11.39 10.27 -13.44
C51 C2E K . 11.29 9.46 -14.50
C61 C2E K . 11.11 9.64 -15.97
O61 C2E K . 11.04 10.76 -16.50
N11 C2E K . 11.06 8.54 -16.72
C21 C2E K . 11.13 7.30 -16.19
N21 C2E K . 11.05 6.27 -17.04
N31 C2E K . 11.28 7.06 -14.87
C41 C2E K . 11.37 8.08 -13.98
MG MG L . 47.48 23.37 -29.98
MG MG M . 10.37 13.81 -15.88
#